data_2YLE
#
_entry.id   2YLE
#
_cell.length_a   65.675
_cell.length_b   65.675
_cell.length_c   77.964
_cell.angle_alpha   90.00
_cell.angle_beta   90.00
_cell.angle_gamma   120.00
#
_symmetry.space_group_name_H-M   'P 32 2 1'
#
loop_
_entity.id
_entity.type
_entity.pdbx_description
1 polymer 'PROTEIN SPIRE HOMOLOG 1'
2 polymer FORMIN-2
3 water water
#
loop_
_entity_poly.entity_id
_entity_poly.type
_entity_poly.pdbx_seq_one_letter_code
_entity_poly.pdbx_strand_id
1 'polypeptide(L)'
;MSYYHHHHHHDYDIPTTENLYFQGAMGSSRDALSLEEILRLYNQPINEEQAWAVCYQCCGSLRAAARRRQPRHRVRSAAQ
IRVWRDGAVTLAPAADDAGEPPPVAGKLGYSQCMETEVIESLGIIIYKALDYGLKENEERELSPPLEQLIDHMANTVEAD
GSNDEGYEAAEEGLGDEDEKRKISAIRSYRDVMKLCAAHLPTESDAPNHYQAVCRALFAETMELHTFLT
;
A
2 'polypeptide(L)' VCRQKKGKSLYKIKPRHDSGIKAKISMKT B
#
# COMPACT_ATOMS: atom_id res chain seq x y z
N GLY A 27 -2.29 -22.95 13.20
CA GLY A 27 -2.90 -22.16 12.10
C GLY A 27 -3.53 -23.09 11.09
N SER A 28 -4.46 -22.53 10.30
CA SER A 28 -5.15 -23.27 9.27
C SER A 28 -4.91 -22.60 7.91
N SER A 29 -4.70 -23.42 6.87
CA SER A 29 -4.40 -22.88 5.54
C SER A 29 -5.64 -22.37 4.82
N ARG A 30 -5.55 -21.13 4.33
CA ARG A 30 -6.58 -20.46 3.52
C ARG A 30 -5.96 -19.71 2.33
N ASP A 31 -6.74 -18.89 1.63
CA ASP A 31 -6.28 -18.24 0.38
C ASP A 31 -6.04 -16.73 0.48
N ALA A 32 -6.28 -16.15 1.66
CA ALA A 32 -6.02 -14.74 1.89
C ALA A 32 -5.52 -14.50 3.30
N LEU A 33 -4.63 -13.50 3.45
CA LEU A 33 -4.28 -12.93 4.75
C LEU A 33 -4.45 -11.42 4.69
N SER A 34 -4.81 -10.81 5.82
CA SER A 34 -4.86 -9.35 5.88
C SER A 34 -3.46 -8.78 6.04
N LEU A 35 -3.31 -7.52 5.68
CA LEU A 35 -2.03 -6.86 5.85
C LEU A 35 -1.66 -6.73 7.31
N GLU A 36 -2.67 -6.52 8.17
CA GLU A 36 -2.46 -6.58 9.63
C GLU A 36 -1.82 -7.90 10.08
N GLU A 37 -2.35 -9.02 9.60
CA GLU A 37 -1.83 -10.34 9.95
C GLU A 37 -0.39 -10.48 9.45
N ILE A 38 -0.15 -10.03 8.22
CA ILE A 38 1.20 -10.04 7.60
C ILE A 38 2.21 -9.30 8.48
N LEU A 39 1.86 -8.09 8.92
CA LEU A 39 2.74 -7.31 9.79
C LEU A 39 3.00 -8.01 11.13
N ARG A 40 1.95 -8.56 11.71
CA ARG A 40 2.04 -9.27 12.99
C ARG A 40 2.95 -10.49 12.91
N LEU A 41 2.84 -11.22 11.80
CA LEU A 41 3.61 -12.45 11.58
C LEU A 41 5.09 -12.17 11.32
N TYR A 42 5.37 -11.15 10.49
CA TYR A 42 6.72 -10.67 10.20
C TYR A 42 7.37 -10.06 11.43
N ASN A 43 6.55 -9.38 12.24
CA ASN A 43 7.02 -8.56 13.37
C ASN A 43 8.07 -7.54 12.88
N GLN A 44 7.91 -7.13 11.62
CA GLN A 44 8.77 -6.14 10.97
C GLN A 44 7.99 -5.47 9.84
N PRO A 45 8.46 -4.29 9.38
CA PRO A 45 7.70 -3.63 8.32
C PRO A 45 7.86 -4.33 6.96
N ILE A 46 7.00 -3.97 6.02
CA ILE A 46 7.13 -4.47 4.66
C ILE A 46 8.29 -3.74 3.99
N ASN A 47 8.82 -4.32 2.93
CA ASN A 47 9.87 -3.66 2.18
C ASN A 47 9.29 -2.74 1.12
N GLU A 48 10.17 -1.96 0.49
CA GLU A 48 9.74 -0.98 -0.48
C GLU A 48 9.02 -1.61 -1.68
N GLU A 49 9.54 -2.72 -2.19
CA GLU A 49 8.89 -3.36 -3.35
C GLU A 49 7.48 -3.86 -3.01
N GLN A 50 7.31 -4.33 -1.80
CA GLN A 50 5.97 -4.75 -1.33
C GLN A 50 5.02 -3.58 -1.24
N ALA A 51 5.52 -2.42 -0.81
CA ALA A 51 4.71 -1.17 -0.78
C ALA A 51 4.23 -0.75 -2.17
N TRP A 52 5.15 -0.66 -3.13
CA TRP A 52 4.74 -0.41 -4.52
C TRP A 52 3.68 -1.43 -5.02
N ALA A 53 3.88 -2.70 -4.67
CA ALA A 53 3.02 -3.78 -5.18
C ALA A 53 1.62 -3.73 -4.61
N VAL A 54 1.53 -3.48 -3.31
CA VAL A 54 0.20 -3.46 -2.67
C VAL A 54 -0.56 -2.28 -3.22
N CYS A 55 0.15 -1.17 -3.40
CA CYS A 55 -0.48 0.04 -3.95
CA CYS A 55 -0.45 0.02 -3.94
C CYS A 55 -1.03 -0.23 -5.32
N TYR A 56 -0.21 -0.76 -6.22
CA TYR A 56 -0.63 -1.06 -7.57
C TYR A 56 -1.81 -2.06 -7.64
N GLN A 57 -1.65 -3.19 -6.94
CA GLN A 57 -2.65 -4.28 -6.98
C GLN A 57 -3.99 -3.86 -6.35
N CYS A 58 -3.92 -3.17 -5.23
CA CYS A 58 -5.14 -2.69 -4.57
C CYS A 58 -5.85 -1.63 -5.42
N CYS A 59 -5.10 -0.71 -6.03
CA CYS A 59 -5.74 0.27 -6.90
C CYS A 59 -6.38 -0.40 -8.12
N GLY A 60 -5.75 -1.44 -8.65
CA GLY A 60 -6.35 -2.17 -9.77
C GLY A 60 -7.69 -2.81 -9.36
N SER A 61 -7.71 -3.44 -8.19
CA SER A 61 -8.95 -4.06 -7.69
C SER A 61 -10.05 -3.01 -7.47
N LEU A 62 -9.67 -1.88 -6.90
CA LEU A 62 -10.61 -0.78 -6.62
C LEU A 62 -11.18 -0.16 -7.90
N ARG A 63 -10.32 -0.01 -8.91
CA ARG A 63 -10.74 0.53 -10.20
C ARG A 63 -11.77 -0.38 -10.85
N ALA A 64 -11.53 -1.69 -10.79
CA ALA A 64 -12.43 -2.68 -11.38
C ALA A 64 -13.74 -2.75 -10.63
N ALA A 65 -13.67 -2.65 -9.30
CA ALA A 65 -14.88 -2.69 -8.47
C ALA A 65 -15.82 -1.52 -8.77
N ALA A 66 -15.23 -0.35 -9.00
CA ALA A 66 -15.96 0.88 -9.31
C ALA A 66 -16.62 0.79 -10.67
N ARG A 67 -15.93 0.17 -11.62
CA ARG A 67 -16.46 -0.03 -12.96
C ARG A 67 -17.65 -0.97 -12.97
N ARG A 68 -17.69 -1.89 -12.02
CA ARG A 68 -18.83 -2.80 -11.88
C ARG A 68 -19.84 -2.27 -10.85
N ARG A 69 -19.75 -0.96 -10.57
CA ARG A 69 -20.71 -0.24 -9.71
C ARG A 69 -20.87 -0.75 -8.27
N GLN A 70 -19.80 -1.32 -7.70
CA GLN A 70 -19.76 -1.58 -6.26
C GLN A 70 -19.39 -0.26 -5.57
N PRO A 71 -20.02 0.06 -4.42
CA PRO A 71 -19.78 1.37 -3.83
C PRO A 71 -18.35 1.51 -3.31
N ARG A 72 -17.82 2.73 -3.36
CA ARG A 72 -16.50 3.01 -2.79
C ARG A 72 -16.58 3.13 -1.27
N HIS A 73 -15.54 2.68 -0.60
CA HIS A 73 -15.40 2.94 0.83
C HIS A 73 -13.93 3.06 1.20
N ARG A 74 -13.68 3.63 2.36
CA ARG A 74 -12.35 3.97 2.80
C ARG A 74 -11.63 2.80 3.47
N VAL A 75 -10.31 2.78 3.34
CA VAL A 75 -9.50 1.82 4.07
C VAL A 75 -9.32 2.35 5.50
N ARG A 76 -9.99 1.72 6.46
CA ARG A 76 -9.94 2.17 7.87
C ARG A 76 -8.72 1.65 8.64
N SER A 77 -8.22 0.50 8.22
CA SER A 77 -7.11 -0.16 8.91
C SER A 77 -6.49 -1.23 8.02
N ALA A 78 -5.28 -1.68 8.37
CA ALA A 78 -4.60 -2.73 7.64
C ALA A 78 -5.36 -4.06 7.65
N ALA A 79 -6.23 -4.27 8.65
CA ALA A 79 -7.04 -5.48 8.70
C ALA A 79 -8.02 -5.64 7.51
N GLN A 80 -8.33 -4.52 6.84
CA GLN A 80 -9.24 -4.52 5.70
C GLN A 80 -8.56 -4.85 4.37
N ILE A 81 -7.24 -4.74 4.30
CA ILE A 81 -6.50 -5.06 3.07
C ILE A 81 -6.17 -6.55 3.04
N ARG A 82 -6.63 -7.25 2.00
CA ARG A 82 -6.49 -8.70 1.89
CA ARG A 82 -6.42 -8.69 1.92
C ARG A 82 -5.49 -9.04 0.77
N VAL A 83 -4.45 -9.80 1.09
CA VAL A 83 -3.51 -10.26 0.05
C VAL A 83 -3.82 -11.72 -0.24
N TRP A 84 -3.93 -12.08 -1.52
CA TRP A 84 -4.42 -13.39 -1.91
C TRP A 84 -3.34 -14.32 -2.45
N ARG A 85 -3.65 -15.61 -2.48
CA ARG A 85 -2.72 -16.65 -2.91
C ARG A 85 -2.18 -16.40 -4.32
N ASP A 86 -3.05 -15.86 -5.18
CA ASP A 86 -2.69 -15.63 -6.59
C ASP A 86 -2.10 -14.22 -6.82
N GLY A 87 -1.87 -13.48 -5.73
CA GLY A 87 -1.21 -12.16 -5.83
C GLY A 87 -2.14 -10.97 -5.91
N ALA A 88 -3.46 -11.22 -5.93
CA ALA A 88 -4.46 -10.14 -5.85
C ALA A 88 -4.39 -9.44 -4.49
N VAL A 89 -4.73 -8.15 -4.47
CA VAL A 89 -4.90 -7.39 -3.22
C VAL A 89 -6.23 -6.68 -3.33
N THR A 90 -7.09 -6.90 -2.34
CA THR A 90 -8.43 -6.33 -2.35
C THR A 90 -8.71 -5.64 -1.02
N LEU A 91 -9.76 -4.82 -1.04
CA LEU A 91 -10.26 -4.20 0.18
C LEU A 91 -11.55 -4.92 0.57
N ALA A 92 -11.61 -5.44 1.79
CA ALA A 92 -12.78 -6.17 2.26
C ALA A 92 -13.97 -5.23 2.38
N PRO A 93 -15.18 -5.69 1.99
CA PRO A 93 -16.40 -4.88 2.07
C PRO A 93 -16.67 -4.32 3.47
N ALA A 94 -17.41 -3.22 3.53
CA ALA A 94 -17.68 -2.44 4.76
C ALA A 94 -17.82 -3.27 6.04
N LYS A 107 -21.98 7.56 -15.10
CA LYS A 107 -20.81 7.09 -14.37
C LYS A 107 -20.90 7.42 -12.88
N LEU A 108 -20.16 6.67 -12.06
CA LEU A 108 -20.16 6.91 -10.61
C LEU A 108 -18.96 7.77 -10.21
N GLY A 109 -18.73 8.85 -10.96
CA GLY A 109 -17.64 9.80 -10.68
C GLY A 109 -17.79 10.50 -9.34
N TYR A 110 -19.02 10.87 -9.00
CA TYR A 110 -19.31 11.52 -7.72
C TYR A 110 -20.25 10.65 -6.90
N SER A 111 -19.89 10.42 -5.64
CA SER A 111 -20.70 9.61 -4.73
C SER A 111 -20.37 10.01 -3.30
N GLN A 112 -20.91 9.27 -2.34
CA GLN A 112 -20.60 9.52 -0.92
C GLN A 112 -19.16 9.20 -0.53
N CYS A 113 -18.39 8.62 -1.45
CA CYS A 113 -16.95 8.36 -1.23
C CYS A 113 -16.16 8.54 -2.53
N MET A 114 -15.34 9.58 -2.61
CA MET A 114 -14.57 9.88 -3.83
C MET A 114 -13.29 9.05 -3.94
N GLU A 115 -12.82 8.78 -5.16
CA GLU A 115 -11.56 8.04 -5.38
C GLU A 115 -10.37 8.56 -4.59
N THR A 116 -10.19 9.89 -4.55
CA THR A 116 -9.04 10.47 -3.83
C THR A 116 -9.12 10.22 -2.34
N GLU A 117 -10.33 10.04 -1.80
CA GLU A 117 -10.46 9.69 -0.38
C GLU A 117 -9.98 8.29 -0.11
N VAL A 118 -10.36 7.35 -0.99
CA VAL A 118 -9.88 5.97 -0.88
C VAL A 118 -8.35 5.92 -1.02
N ILE A 119 -7.82 6.63 -2.02
CA ILE A 119 -6.35 6.70 -2.26
C ILE A 119 -5.61 7.26 -1.02
N GLU A 120 -6.18 8.29 -0.42
CA GLU A 120 -5.58 8.86 0.80
C GLU A 120 -5.52 7.83 1.90
N SER A 121 -6.65 7.18 2.15
CA SER A 121 -6.71 6.21 3.23
C SER A 121 -5.75 5.04 2.97
N LEU A 122 -5.61 4.63 1.70
CA LEU A 122 -4.64 3.58 1.34
C LEU A 122 -3.20 4.04 1.56
N GLY A 123 -2.90 5.25 1.12
CA GLY A 123 -1.57 5.84 1.30
C GLY A 123 -1.14 5.83 2.75
N ILE A 124 -2.02 6.27 3.64
CA ILE A 124 -1.73 6.28 5.08
C ILE A 124 -1.44 4.87 5.61
N ILE A 125 -2.27 3.89 5.24
CA ILE A 125 -2.07 2.51 5.71
C ILE A 125 -0.76 1.90 5.20
N ILE A 126 -0.40 2.18 3.96
CA ILE A 126 0.87 1.72 3.38
C ILE A 126 2.07 2.33 4.14
N TYR A 127 1.99 3.61 4.48
CA TYR A 127 3.09 4.20 5.26
C TYR A 127 3.20 3.57 6.65
N LYS A 128 2.06 3.35 7.30
CA LYS A 128 2.07 2.64 8.58
C LYS A 128 2.73 1.24 8.49
N ALA A 129 2.45 0.51 7.42
CA ALA A 129 3.10 -0.78 7.14
C ALA A 129 4.62 -0.67 6.94
N LEU A 130 5.06 0.40 6.27
CA LEU A 130 6.51 0.67 6.12
C LEU A 130 7.17 1.12 7.43
N ASP A 131 6.37 1.68 8.33
CA ASP A 131 6.88 2.23 9.60
C ASP A 131 6.68 1.23 10.76
N TYR A 132 6.13 0.06 10.45
CA TYR A 132 5.70 -0.89 11.48
C TYR A 132 6.81 -1.22 12.46
N GLY A 133 6.55 -0.95 13.73
CA GLY A 133 7.45 -1.32 14.80
C GLY A 133 8.61 -0.37 15.05
N LEU A 134 8.72 0.70 14.25
CA LEU A 134 9.78 1.68 14.47
C LEU A 134 9.45 2.61 15.63
N LYS A 135 10.48 3.09 16.31
CA LYS A 135 10.29 4.00 17.44
C LYS A 135 9.84 5.35 16.91
N GLU A 136 9.16 6.11 17.75
CA GLU A 136 8.58 7.39 17.33
C GLU A 136 9.64 8.38 16.87
N ASN A 137 10.84 8.27 17.44
CA ASN A 137 11.95 9.17 17.09
C ASN A 137 12.81 8.70 15.90
N GLU A 138 12.45 7.55 15.31
CA GLU A 138 13.11 7.06 14.10
C GLU A 138 12.18 7.23 12.90
N GLU A 139 12.78 7.36 11.73
CA GLU A 139 12.03 7.46 10.50
C GLU A 139 12.75 6.65 9.45
N ARG A 140 11.97 5.95 8.64
CA ARG A 140 12.55 5.15 7.58
C ARG A 140 12.97 6.01 6.40
N GLU A 141 14.14 5.71 5.87
CA GLU A 141 14.68 6.45 4.74
C GLU A 141 14.19 5.78 3.46
N LEU A 142 13.09 6.29 2.91
CA LEU A 142 12.52 5.73 1.68
C LEU A 142 13.19 6.30 0.43
N SER A 143 13.19 5.52 -0.65
CA SER A 143 13.67 6.05 -1.93
C SER A 143 12.79 7.27 -2.28
N PRO A 144 13.40 8.32 -2.83
CA PRO A 144 12.62 9.52 -3.17
C PRO A 144 11.32 9.26 -3.97
N PRO A 145 11.33 8.37 -5.00
CA PRO A 145 10.07 8.19 -5.74
C PRO A 145 8.95 7.53 -4.94
N LEU A 146 9.29 6.64 -4.00
CA LEU A 146 8.29 6.02 -3.11
C LEU A 146 7.76 7.05 -2.10
N GLU A 147 8.67 7.83 -1.53
CA GLU A 147 8.26 8.89 -0.62
C GLU A 147 7.32 9.86 -1.33
N GLN A 148 7.66 10.22 -2.57
CA GLN A 148 6.82 11.11 -3.35
C GLN A 148 5.44 10.53 -3.62
N LEU A 149 5.39 9.27 -4.03
CA LEU A 149 4.12 8.58 -4.27
C LEU A 149 3.23 8.70 -3.04
N ILE A 150 3.79 8.37 -1.88
CA ILE A 150 3.02 8.35 -0.65
C ILE A 150 2.57 9.76 -0.23
N ASP A 151 3.47 10.75 -0.35
CA ASP A 151 3.18 12.16 -0.03
C ASP A 151 1.96 12.64 -0.81
N HIS A 152 1.91 12.27 -2.10
CA HIS A 152 0.82 12.68 -2.98
C HIS A 152 -0.47 11.86 -2.78
N MET A 153 -0.33 10.57 -2.48
CA MET A 153 -1.49 9.73 -2.11
C MET A 153 -2.17 10.27 -0.87
N ALA A 154 -1.36 10.57 0.14
CA ALA A 154 -1.86 10.94 1.45
C ALA A 154 -2.24 12.43 1.56
N ASN A 155 -2.01 13.21 0.50
CA ASN A 155 -2.26 14.66 0.48
C ASN A 155 -1.49 15.37 1.59
N THR A 156 -0.24 14.97 1.77
CA THR A 156 0.62 15.56 2.79
C THR A 156 1.64 16.51 2.18
N VAL A 157 1.57 16.68 0.86
CA VAL A 157 2.55 17.48 0.12
C VAL A 157 2.46 18.97 0.49
N GLU A 158 3.60 19.54 0.89
CA GLU A 158 3.67 20.95 1.29
C GLU A 158 4.48 21.74 0.27
N GLU A 179 9.41 16.07 -12.47
CA GLU A 179 9.00 15.23 -11.35
C GLU A 179 9.91 15.37 -10.12
N LYS A 180 11.09 15.97 -10.32
CA LYS A 180 12.13 16.05 -9.28
C LYS A 180 11.77 16.91 -8.04
N ARG A 181 10.88 17.88 -8.22
CA ARG A 181 10.41 18.70 -7.08
C ARG A 181 9.01 18.28 -6.62
N LYS A 182 8.04 18.31 -7.53
CA LYS A 182 6.66 17.91 -7.26
C LYS A 182 6.01 17.28 -8.49
N ILE A 183 5.19 16.25 -8.28
CA ILE A 183 4.46 15.59 -9.36
C ILE A 183 3.04 16.17 -9.48
N SER A 184 2.36 15.90 -10.61
CA SER A 184 0.97 16.36 -10.81
C SER A 184 0.10 15.74 -9.71
N ALA A 185 -1.00 16.39 -9.35
CA ALA A 185 -1.83 15.83 -8.30
C ALA A 185 -2.52 14.54 -8.79
N ILE A 186 -2.62 13.58 -7.88
CA ILE A 186 -3.23 12.30 -8.17
C ILE A 186 -4.73 12.48 -8.14
N ARG A 187 -5.39 12.14 -9.24
CA ARG A 187 -6.84 12.29 -9.33
C ARG A 187 -7.63 10.96 -9.36
N SER A 188 -6.93 9.85 -9.64
CA SER A 188 -7.58 8.56 -9.93
C SER A 188 -6.73 7.35 -9.58
N TYR A 189 -7.40 6.19 -9.49
CA TYR A 189 -6.68 4.93 -9.32
C TYR A 189 -5.64 4.74 -10.41
N ARG A 190 -6.00 5.10 -11.63
CA ARG A 190 -5.08 4.92 -12.77
C ARG A 190 -3.81 5.75 -12.58
N ASP A 191 -3.96 6.95 -12.02
CA ASP A 191 -2.82 7.83 -11.75
C ASP A 191 -1.82 7.15 -10.82
N VAL A 192 -2.33 6.53 -9.76
CA VAL A 192 -1.48 5.80 -8.81
C VAL A 192 -0.79 4.61 -9.53
N MET A 193 -1.56 3.85 -10.29
CA MET A 193 -1.01 2.68 -10.97
C MET A 193 0.10 3.08 -11.94
N LYS A 194 -0.07 4.20 -12.62
CA LYS A 194 0.94 4.67 -13.59
C LYS A 194 2.24 5.07 -12.88
N LEU A 195 2.13 5.69 -11.71
CA LEU A 195 3.32 5.99 -10.89
C LEU A 195 4.04 4.72 -10.40
N CYS A 196 3.28 3.69 -10.01
CA CYS A 196 3.89 2.41 -9.62
C CYS A 196 4.56 1.72 -10.81
N ALA A 197 3.95 1.83 -11.99
CA ALA A 197 4.54 1.21 -13.18
C ALA A 197 5.86 1.90 -13.52
N ALA A 198 5.91 3.21 -13.28
CA ALA A 198 7.10 4.00 -13.56
C ALA A 198 8.31 3.63 -12.67
N HIS A 199 8.08 2.95 -11.55
CA HIS A 199 9.16 2.38 -10.71
C HIS A 199 9.99 1.32 -11.45
N LEU A 200 9.42 0.75 -12.52
CA LEU A 200 10.06 -0.33 -13.27
C LEU A 200 10.74 0.21 -14.54
N PRO A 201 11.91 -0.36 -14.91
CA PRO A 201 12.63 0.03 -16.12
C PRO A 201 11.80 -0.18 -17.40
N THR A 202 10.97 -1.21 -17.40
CA THR A 202 10.07 -1.50 -18.50
C THR A 202 8.67 -1.52 -17.91
N GLU A 203 7.91 -0.45 -18.13
CA GLU A 203 6.65 -0.23 -17.42
C GLU A 203 5.60 -1.26 -17.75
N SER A 204 5.63 -1.79 -18.97
CA SER A 204 4.69 -2.85 -19.37
C SER A 204 4.87 -4.17 -18.59
N ASP A 205 5.94 -4.27 -17.79
CA ASP A 205 6.12 -5.41 -16.88
C ASP A 205 5.26 -5.32 -15.62
N ALA A 206 4.64 -4.15 -15.38
CA ALA A 206 3.97 -3.90 -14.10
C ALA A 206 2.91 -4.93 -13.68
N PRO A 207 1.96 -5.28 -14.58
CA PRO A 207 0.87 -6.19 -14.17
C PRO A 207 1.43 -7.53 -13.68
N ASN A 208 2.35 -8.11 -14.44
CA ASN A 208 2.96 -9.38 -14.06
CA ASN A 208 2.90 -9.38 -14.05
C ASN A 208 3.81 -9.25 -12.82
N HIS A 209 4.60 -8.17 -12.76
CA HIS A 209 5.56 -7.99 -11.68
C HIS A 209 4.90 -7.83 -10.31
N TYR A 210 3.92 -6.95 -10.27
CA TYR A 210 3.30 -6.64 -8.98
C TYR A 210 2.45 -7.81 -8.49
N GLN A 211 1.89 -8.58 -9.41
CA GLN A 211 1.23 -9.84 -9.01
C GLN A 211 2.26 -10.82 -8.40
N ALA A 212 3.43 -10.96 -9.04
CA ALA A 212 4.48 -11.86 -8.55
C ALA A 212 4.99 -11.43 -7.18
N VAL A 213 5.09 -10.12 -6.94
CA VAL A 213 5.54 -9.63 -5.63
C VAL A 213 4.55 -10.06 -4.52
N CYS A 214 3.27 -9.82 -4.74
CA CYS A 214 2.24 -10.17 -3.72
C CYS A 214 2.05 -11.69 -3.60
N ARG A 215 2.21 -12.43 -4.70
CA ARG A 215 2.20 -13.90 -4.65
C ARG A 215 3.29 -14.40 -3.71
N ALA A 216 4.50 -13.83 -3.81
CA ALA A 216 5.61 -14.24 -2.92
C ALA A 216 5.37 -13.83 -1.49
N LEU A 217 4.81 -12.63 -1.29
CA LEU A 217 4.53 -12.12 0.06
C LEU A 217 3.51 -13.04 0.73
N PHE A 218 2.49 -13.48 -0.02
CA PHE A 218 1.49 -14.41 0.52
C PHE A 218 2.17 -15.73 0.89
N ALA A 219 2.95 -16.30 -0.04
CA ALA A 219 3.54 -17.64 0.20
C ALA A 219 4.42 -17.62 1.45
N GLU A 220 5.24 -16.58 1.57
CA GLU A 220 6.17 -16.43 2.69
C GLU A 220 5.43 -16.30 4.05
N THR A 221 4.38 -15.48 4.09
CA THR A 221 3.70 -15.26 5.35
CA THR A 221 3.67 -15.23 5.33
C THR A 221 2.72 -16.38 5.67
N MET A 222 2.23 -17.08 4.65
CA MET A 222 1.27 -18.17 4.87
C MET A 222 1.91 -19.31 5.65
N GLU A 223 3.21 -19.52 5.44
CA GLU A 223 3.94 -20.51 6.22
C GLU A 223 4.08 -20.12 7.68
N LEU A 224 4.21 -18.82 7.95
CA LEU A 224 4.24 -18.36 9.33
C LEU A 224 2.84 -18.47 9.91
N HIS A 225 1.82 -18.16 9.12
CA HIS A 225 0.42 -18.21 9.61
C HIS A 225 0.04 -19.63 10.02
N THR A 226 0.38 -20.59 9.16
CA THR A 226 0.02 -21.98 9.35
C THR A 226 0.79 -22.62 10.51
N PHE A 227 2.03 -22.18 10.71
CA PHE A 227 2.98 -22.93 11.53
C PHE A 227 3.60 -22.25 12.77
N LEU A 228 3.52 -20.93 12.86
CA LEU A 228 3.97 -20.21 14.07
C LEU A 228 3.13 -20.57 15.29
N THR A 229 3.79 -20.86 16.41
CA THR A 229 3.12 -21.01 17.71
C THR A 229 3.75 -20.09 18.76
N SER B 9 11.10 -5.79 5.87
CA SER B 9 12.54 -5.39 5.89
C SER B 9 12.66 -3.86 5.95
N LEU B 10 13.20 -3.36 7.06
CA LEU B 10 13.34 -1.92 7.30
C LEU B 10 14.74 -1.38 6.95
N TYR B 11 15.75 -2.07 7.46
CA TYR B 11 17.15 -1.65 7.35
C TYR B 11 17.45 -0.17 7.66
N LYS B 12 17.49 0.68 6.63
CA LYS B 12 18.01 2.05 6.79
C LYS B 12 17.02 3.05 7.40
N ILE B 13 17.42 3.59 8.54
CA ILE B 13 16.63 4.59 9.27
C ILE B 13 17.43 5.85 9.58
N LYS B 14 16.73 6.97 9.63
CA LYS B 14 17.31 8.26 9.97
C LYS B 14 16.58 8.82 11.19
N PRO B 15 17.14 9.87 11.83
CA PRO B 15 16.34 10.56 12.85
C PRO B 15 15.12 11.24 12.24
N ARG B 16 13.99 11.17 12.95
CA ARG B 16 12.72 11.72 12.49
C ARG B 16 12.78 13.25 12.34
N HIS B 17 12.62 13.73 11.11
CA HIS B 17 12.63 15.16 10.87
C HIS B 17 11.27 15.76 11.21
N ASP B 18 11.30 17.01 11.68
CA ASP B 18 10.12 17.68 12.22
C ASP B 18 9.05 18.01 11.19
N SER B 19 9.46 18.13 9.93
CA SER B 19 8.53 18.47 8.85
C SER B 19 8.41 17.38 7.77
N GLY B 20 9.04 16.22 8.01
CA GLY B 20 9.11 15.15 7.01
C GLY B 20 7.84 14.33 6.92
N ILE B 21 7.86 13.30 6.08
CA ILE B 21 6.66 12.52 5.82
C ILE B 21 6.08 11.81 7.05
N LYS B 22 6.94 11.27 7.92
CA LYS B 22 6.45 10.61 9.13
C LYS B 22 5.71 11.64 10.01
N ALA B 23 6.31 12.82 10.16
CA ALA B 23 5.71 13.91 10.91
C ALA B 23 4.30 14.25 10.40
N LYS B 24 4.20 14.44 9.09
CA LYS B 24 2.92 14.79 8.46
C LYS B 24 1.85 13.69 8.54
N ILE B 25 2.25 12.44 8.29
CA ILE B 25 1.31 11.32 8.37
C ILE B 25 0.80 11.03 9.80
N SER B 26 1.64 11.24 10.81
CA SER B 26 1.26 11.01 12.21
C SER B 26 0.09 11.91 12.63
N MET B 27 0.02 13.11 12.07
CA MET B 27 -1.04 14.06 12.41
C MET B 27 -2.38 13.83 11.67
N LYS B 28 -2.40 12.89 10.74
CA LYS B 28 -3.66 12.45 10.13
C LYS B 28 -4.11 11.18 10.85
N THR B 29 -3.37 10.84 11.90
CA THR B 29 -3.35 9.52 12.57
C THR B 29 -3.01 8.41 11.58
#